data_4ODJ
#
_entry.id   4ODJ
#
_cell.length_a   117.860
_cell.length_b   117.860
_cell.length_c   54.040
_cell.angle_alpha   90.000
_cell.angle_beta   90.000
_cell.angle_gamma   120.000
#
_symmetry.space_group_name_H-M   'P 32 2 1'
#
loop_
_entity.id
_entity.type
_entity.pdbx_description
1 polymer 'S-adenosylmethionine synthase'
2 non-polymer S-ADENOSYLMETHIONINE
3 non-polymer TRIPHOSPHATE
4 non-polymer 'MAGNESIUM ION'
5 water water
#
_entity_poly.entity_id   1
_entity_poly.type   'polypeptide(L)'
_entity_poly.pdbx_seq_one_letter_code
;MAHHHHHHMDSSRLSGNKSTYTDLQTTSEQFLFSSESVCSGHPDKLCDQISDAILDACLEQDPESFVACETCTKTGFIMV
FGEITTKANVNYERVVRETVKEIGYDSEEKGLDYKTMDVIIKLEQQSNQIAGCVHVDKNVEDIGAGDQGMMFGYATNETK
ELMPLTHVLATSITRELDYIRMKGVSSRVGWLRPDGKAQVTVEYNCKHGVLIPKRIHTILVSVQHDENIENEEIREFVLE
NVIKKVCPSDLMDKETRILINPSGRFTIGGPAADAGLTGRKIIVDTYGGWGAHGGGAFSGKDATKVDRSGAYMARLVAKS
IVFSGLCSRCLVQVSYGIGIARPLSLYINTFGTAKDGYNDTKLLEIVNKVFDFRPGILIKQLNLKSPIFKKTSSGGHFGR
SEKEFLWEKPIILQ
;
_entity_poly.pdbx_strand_id   A
#
loop_
_chem_comp.id
_chem_comp.type
_chem_comp.name
_chem_comp.formula
3PO non-polymer TRIPHOSPHATE 'H5 O10 P3'
MG non-polymer 'MAGNESIUM ION' 'Mg 2'
SAM non-polymer S-ADENOSYLMETHIONINE 'C15 H22 N6 O5 S'
#
# COMPACT_ATOMS: atom_id res chain seq x y z
N GLU A 29 2.44 -17.12 -26.93
CA GLU A 29 3.53 -16.93 -25.92
C GLU A 29 2.99 -16.74 -24.48
N GLN A 30 3.18 -17.75 -23.63
CA GLN A 30 2.84 -17.65 -22.22
C GLN A 30 4.03 -17.27 -21.34
N PHE A 31 3.73 -16.71 -20.16
CA PHE A 31 4.77 -16.42 -19.19
C PHE A 31 4.17 -16.42 -17.81
N LEU A 32 5.03 -16.57 -16.80
CA LEU A 32 4.66 -16.58 -15.42
C LEU A 32 5.09 -15.28 -14.76
N PHE A 33 4.28 -14.76 -13.85
CA PHE A 33 4.65 -13.56 -13.12
C PHE A 33 4.06 -13.66 -11.72
N SER A 34 4.82 -13.22 -10.74
CA SER A 34 4.42 -13.29 -9.34
C SER A 34 4.31 -11.93 -8.67
N SER A 35 3.39 -11.82 -7.72
CA SER A 35 3.31 -10.65 -6.80
C SER A 35 3.01 -11.17 -5.40
N GLU A 36 3.33 -10.37 -4.41
CA GLU A 36 3.11 -10.75 -3.04
C GLU A 36 2.32 -9.70 -2.26
N SER A 37 1.90 -10.10 -1.06
CA SER A 37 1.30 -9.21 -0.08
C SER A 37 1.64 -9.70 1.31
N VAL A 38 1.44 -8.84 2.30
CA VAL A 38 1.65 -9.19 3.68
C VAL A 38 0.46 -8.77 4.53
N CYS A 39 0.28 -9.44 5.64
CA CYS A 39 -0.78 -9.13 6.60
C CYS A 39 -0.50 -7.84 7.32
N SER A 40 -1.57 -7.27 7.90
CA SER A 40 -1.51 -6.05 8.72
CA SER A 40 -1.46 -6.03 8.68
CA SER A 40 -1.48 -6.05 8.70
C SER A 40 -0.49 -6.17 9.85
N GLY A 41 -0.36 -7.37 10.40
CA GLY A 41 0.57 -7.64 11.47
C GLY A 41 2.01 -7.92 11.09
N HIS A 42 2.32 -7.96 9.80
CA HIS A 42 3.68 -8.10 9.37
C HIS A 42 4.47 -6.92 9.96
N PRO A 43 5.68 -7.18 10.46
CA PRO A 43 6.33 -6.09 11.21
C PRO A 43 6.58 -4.83 10.42
N ASP A 44 6.89 -4.96 9.13
CA ASP A 44 7.06 -3.75 8.30
C ASP A 44 5.74 -3.01 8.13
N LYS A 45 4.67 -3.76 7.87
CA LYS A 45 3.38 -3.12 7.70
C LYS A 45 2.88 -2.50 8.98
N LEU A 46 3.20 -3.13 10.11
CA LEU A 46 2.88 -2.54 11.40
C LEU A 46 3.48 -1.14 11.53
N CYS A 47 4.73 -0.98 11.06
CA CYS A 47 5.41 0.29 11.10
C CYS A 47 4.73 1.31 10.18
N ASP A 48 4.36 0.87 8.98
CA ASP A 48 3.63 1.75 8.05
C ASP A 48 2.34 2.27 8.72
N GLN A 49 1.63 1.36 9.36
CA GLN A 49 0.37 1.75 10.02
C GLN A 49 0.58 2.73 11.17
N ILE A 50 1.60 2.50 11.99
CA ILE A 50 1.88 3.44 13.07
C ILE A 50 2.23 4.82 12.50
N SER A 51 3.10 4.84 11.50
CA SER A 51 3.54 6.12 10.87
C SER A 51 2.33 6.88 10.34
N ASP A 52 1.42 6.17 9.66
CA ASP A 52 0.22 6.84 9.18
C ASP A 52 -0.79 7.20 10.24
N ALA A 53 -0.87 6.40 11.32
CA ALA A 53 -1.69 6.78 12.47
C ALA A 53 -1.21 8.10 13.05
N ILE A 54 0.11 8.27 13.15
CA ILE A 54 0.65 9.51 13.66
C ILE A 54 0.38 10.67 12.72
N LEU A 55 0.55 10.44 11.43
CA LEU A 55 0.22 11.45 10.41
C LEU A 55 -1.23 11.90 10.54
N ASP A 56 -2.15 10.95 10.58
CA ASP A 56 -3.58 11.28 10.72
C ASP A 56 -3.85 12.03 12.01
N ALA A 57 -3.18 11.64 13.09
CA ALA A 57 -3.39 12.32 14.38
C ALA A 57 -2.96 13.78 14.29
N CYS A 58 -1.87 14.03 13.58
CA CYS A 58 -1.43 15.40 13.39
C CYS A 58 -2.42 16.16 12.50
N LEU A 59 -2.83 15.57 11.40
CA LEU A 59 -3.69 16.25 10.41
C LEU A 59 -5.07 16.57 10.93
N GLU A 60 -5.62 15.70 11.77
CA GLU A 60 -6.97 15.93 12.27
C GLU A 60 -7.01 17.20 13.10
N GLN A 61 -5.91 17.54 13.77
CA GLN A 61 -5.83 18.80 14.53
C GLN A 61 -5.28 19.96 13.69
N ASP A 62 -4.29 19.66 12.85
CA ASP A 62 -3.53 20.69 12.10
C ASP A 62 -3.30 20.19 10.69
N PRO A 63 -4.18 20.57 9.78
CA PRO A 63 -4.07 20.18 8.37
C PRO A 63 -2.80 20.67 7.71
N GLU A 64 -2.13 21.67 8.27
CA GLU A 64 -0.91 22.22 7.71
C GLU A 64 0.37 21.52 8.18
N SER A 65 0.22 20.43 8.95
CA SER A 65 1.34 19.73 9.55
C SER A 65 2.35 19.24 8.50
N PHE A 66 3.63 19.36 8.82
CA PHE A 66 4.68 18.73 8.03
C PHE A 66 5.12 17.52 8.79
N VAL A 67 4.99 16.35 8.18
CA VAL A 67 5.19 15.09 8.88
C VAL A 67 6.09 14.18 8.04
N ALA A 68 7.12 13.66 8.70
CA ALA A 68 8.04 12.68 8.10
C ALA A 68 8.37 11.68 9.20
N CYS A 69 7.39 10.81 9.47
CA CYS A 69 7.39 9.99 10.70
C CYS A 69 7.77 8.57 10.33
N GLU A 70 8.96 8.14 10.74
CA GLU A 70 9.43 6.80 10.52
C GLU A 70 9.18 5.97 11.79
N THR A 71 8.94 4.69 11.61
CA THR A 71 8.75 3.77 12.75
C THR A 71 9.64 2.55 12.52
N CYS A 72 10.15 2.01 13.62
CA CYS A 72 10.85 0.71 13.56
C CYS A 72 10.53 -0.10 14.79
N THR A 73 10.69 -1.40 14.66
CA THR A 73 10.31 -2.30 15.72
C THR A 73 11.18 -3.55 15.74
N LYS A 74 11.41 -4.01 16.96
CA LYS A 74 11.97 -5.34 17.19
C LYS A 74 11.39 -5.79 18.52
N THR A 75 11.70 -7.00 18.95
CA THR A 75 11.12 -7.58 20.15
C THR A 75 10.94 -6.59 21.28
N GLY A 76 9.69 -6.41 21.70
CA GLY A 76 9.39 -5.56 22.86
C GLY A 76 9.57 -4.06 22.73
N PHE A 77 9.70 -3.55 21.51
CA PHE A 77 9.81 -2.10 21.38
CA PHE A 77 10.11 -2.17 21.28
C PHE A 77 9.42 -1.57 20.02
N ILE A 78 9.01 -0.31 20.09
CA ILE A 78 8.74 0.48 18.90
CA ILE A 78 8.69 0.49 18.91
C ILE A 78 9.43 1.80 19.09
N MET A 79 10.05 2.30 18.01
CA MET A 79 10.61 3.63 18.05
C MET A 79 10.02 4.42 16.92
N VAL A 80 9.55 5.64 17.23
CA VAL A 80 9.10 6.56 16.20
C VAL A 80 10.13 7.67 16.12
N PHE A 81 10.50 8.09 14.91
CA PHE A 81 11.61 9.03 14.75
C PHE A 81 11.46 9.78 13.46
N GLY A 82 12.08 10.94 13.34
CA GLY A 82 11.91 11.75 12.15
C GLY A 82 11.60 13.17 12.50
N GLU A 83 10.86 13.82 11.60
CA GLU A 83 10.62 15.27 11.69
C GLU A 83 9.14 15.58 11.55
N ILE A 84 8.62 16.27 12.56
CA ILE A 84 7.24 16.76 12.52
C ILE A 84 7.23 18.20 12.99
N THR A 85 6.67 19.04 12.16
CA THR A 85 6.33 20.42 12.54
C THR A 85 4.82 20.55 12.49
N THR A 86 4.23 20.69 13.67
CA THR A 86 2.77 20.69 13.80
C THR A 86 2.34 21.57 14.97
N LYS A 87 1.13 22.09 14.87
CA LYS A 87 0.47 22.71 15.99
C LYS A 87 -0.35 21.71 16.79
N ALA A 88 -0.54 20.50 16.26
CA ALA A 88 -1.29 19.47 16.97
C ALA A 88 -0.61 19.12 18.27
N ASN A 89 -1.40 18.76 19.26
CA ASN A 89 -0.91 18.19 20.52
C ASN A 89 -1.28 16.72 20.50
N VAL A 90 -0.31 15.89 20.14
CA VAL A 90 -0.55 14.47 19.95
C VAL A 90 0.22 13.73 21.01
N ASN A 91 -0.45 12.80 21.67
CA ASN A 91 0.21 11.90 22.58
C ASN A 91 0.75 10.77 21.71
N TYR A 92 1.97 10.93 21.20
CA TYR A 92 2.53 9.96 20.26
C TYR A 92 2.56 8.56 20.82
N GLU A 93 2.95 8.43 22.08
CA GLU A 93 3.01 7.12 22.70
C GLU A 93 1.64 6.43 22.74
N ARG A 94 0.57 7.14 23.09
CA ARG A 94 -0.77 6.55 23.10
C ARG A 94 -1.21 6.17 21.71
N VAL A 95 -0.86 6.98 20.72
CA VAL A 95 -1.21 6.64 19.33
C VAL A 95 -0.54 5.33 18.93
N VAL A 96 0.73 5.19 19.26
CA VAL A 96 1.43 3.94 18.94
C VAL A 96 0.74 2.76 19.63
N ARG A 97 0.50 2.87 20.95
CA ARG A 97 -0.08 1.75 21.68
C ARG A 97 -1.48 1.35 21.16
N GLU A 98 -2.31 2.34 20.87
CA GLU A 98 -3.67 2.10 20.35
C GLU A 98 -3.59 1.44 19.00
N THR A 99 -2.64 1.84 18.15
CA THR A 99 -2.51 1.24 16.83
C THR A 99 -2.12 -0.24 16.91
N VAL A 100 -1.17 -0.53 17.79
CA VAL A 100 -0.71 -1.88 17.99
C VAL A 100 -1.84 -2.72 18.58
N LYS A 101 -2.55 -2.16 19.56
CA LYS A 101 -3.70 -2.85 20.13
C LYS A 101 -4.71 -3.24 19.05
N GLU A 102 -5.06 -2.30 18.17
CA GLU A 102 -6.06 -2.52 17.12
C GLU A 102 -5.66 -3.60 16.14
N ILE A 103 -4.35 -3.73 15.90
CA ILE A 103 -3.84 -4.76 15.01
C ILE A 103 -3.90 -6.14 15.65
N GLY A 104 -3.92 -6.19 16.97
CA GLY A 104 -4.11 -7.45 17.70
C GLY A 104 -2.90 -7.92 18.48
N TYR A 105 -1.88 -7.07 18.59
CA TYR A 105 -0.67 -7.44 19.29
C TYR A 105 -0.82 -7.14 20.77
N ASP A 106 -1.44 -8.08 21.49
CA ASP A 106 -1.80 -7.84 22.90
C ASP A 106 -1.24 -8.91 23.81
N SER A 107 -0.16 -9.54 23.38
CA SER A 107 0.44 -10.62 24.14
C SER A 107 1.78 -10.99 23.56
N GLU A 108 2.76 -11.22 24.42
CA GLU A 108 4.11 -11.46 23.97
C GLU A 108 4.21 -12.67 23.04
N GLU A 109 3.36 -13.66 23.28
CA GLU A 109 3.40 -14.89 22.49
C GLU A 109 2.91 -14.65 21.05
N LYS A 110 2.13 -13.58 20.83
CA LYS A 110 1.72 -13.22 19.47
CA LYS A 110 1.73 -13.21 19.47
C LYS A 110 2.85 -12.51 18.73
N GLY A 111 3.82 -11.96 19.47
CA GLY A 111 5.01 -11.31 18.86
C GLY A 111 5.31 -9.92 19.37
N LEU A 112 4.36 -9.36 20.11
CA LEU A 112 4.45 -8.00 20.61
C LEU A 112 3.24 -7.77 21.50
N ASP A 113 3.39 -7.05 22.61
CA ASP A 113 2.25 -6.70 23.46
C ASP A 113 2.23 -5.19 23.66
N TYR A 114 1.17 -4.53 23.20
CA TYR A 114 1.07 -3.08 23.28
C TYR A 114 1.12 -2.58 24.72
N LYS A 115 0.73 -3.45 25.65
CA LYS A 115 0.69 -3.07 27.05
C LYS A 115 2.09 -2.98 27.66
N THR A 116 3.01 -3.84 27.21
CA THR A 116 4.32 -4.01 27.84
C THR A 116 5.50 -3.46 27.05
N MET A 117 5.32 -3.25 25.74
CA MET A 117 6.43 -2.82 24.92
C MET A 117 6.99 -1.45 25.32
N ASP A 118 8.27 -1.24 25.07
CA ASP A 118 8.85 0.08 25.23
C ASP A 118 8.46 0.88 24.00
N VAL A 119 8.06 2.13 24.19
CA VAL A 119 7.85 3.05 23.06
C VAL A 119 8.77 4.25 23.21
N ILE A 120 9.59 4.46 22.20
CA ILE A 120 10.60 5.51 22.20
CA ILE A 120 10.58 5.52 22.21
C ILE A 120 10.22 6.53 21.13
N ILE A 121 10.19 7.81 21.51
CA ILE A 121 9.83 8.86 20.56
C ILE A 121 11.01 9.79 20.35
N LYS A 122 11.53 9.89 19.13
CA LYS A 122 12.70 10.73 18.83
C LYS A 122 12.34 11.60 17.65
N LEU A 123 11.49 12.59 17.92
CA LEU A 123 11.00 13.52 16.88
C LEU A 123 11.61 14.89 17.04
N GLU A 124 11.89 15.54 15.91
CA GLU A 124 12.37 16.91 15.92
C GLU A 124 11.54 17.67 14.91
N GLN A 125 11.71 18.99 14.87
CA GLN A 125 11.09 19.80 13.86
C GLN A 125 11.70 19.57 12.48
N GLN A 126 10.90 19.83 11.46
CA GLN A 126 11.38 19.83 10.09
C GLN A 126 12.49 20.86 9.96
N SER A 127 13.53 20.51 9.20
CA SER A 127 14.56 21.49 8.85
C SER A 127 14.00 22.75 8.24
N ASN A 128 14.46 23.92 8.73
CA ASN A 128 13.99 25.18 8.18
C ASN A 128 14.46 25.39 6.76
N GLN A 129 15.55 24.76 6.38
CA GLN A 129 16.04 24.89 5.01
C GLN A 129 15.15 24.13 4.04
N ILE A 130 14.61 23.01 4.48
CA ILE A 130 13.59 22.33 3.65
C ILE A 130 12.30 23.14 3.64
N ALA A 131 11.84 23.55 4.81
CA ALA A 131 10.59 24.36 4.87
C ALA A 131 10.65 25.62 4.01
N GLY A 132 11.82 26.26 3.97
CA GLY A 132 12.03 27.49 3.25
C GLY A 132 11.85 27.36 1.76
N CYS A 133 12.13 26.22 1.18
CA CYS A 133 11.94 26.07 -0.28
C CYS A 133 10.61 25.39 -0.64
N VAL A 134 9.91 24.82 0.34
CA VAL A 134 8.56 24.31 0.12
C VAL A 134 7.45 25.36 0.20
N HIS A 135 7.25 26.00 1.35
CA HIS A 135 6.06 26.85 1.51
C HIS A 135 6.34 28.29 1.83
N VAL A 136 7.54 28.61 2.32
CA VAL A 136 7.77 29.97 2.86
C VAL A 136 7.75 31.01 1.74
N ASP A 137 6.88 32.00 1.90
CA ASP A 137 6.67 33.06 0.91
C ASP A 137 6.22 32.56 -0.45
N LYS A 138 5.54 31.42 -0.52
CA LYS A 138 5.02 30.92 -1.80
C LYS A 138 3.50 30.87 -1.79
N ASN A 139 2.88 31.19 -2.94
CA ASN A 139 1.41 30.99 -3.11
C ASN A 139 1.13 29.52 -2.92
N VAL A 140 -0.02 29.22 -2.35
CA VAL A 140 -0.45 27.86 -2.08
CA VAL A 140 -0.40 27.84 -2.09
C VAL A 140 -0.37 26.99 -3.37
N GLU A 141 -0.75 27.56 -4.51
CA GLU A 141 -0.72 26.77 -5.74
C GLU A 141 0.69 26.42 -6.19
N ASP A 142 1.66 27.24 -5.77
CA ASP A 142 3.01 27.13 -6.24
C ASP A 142 4.01 26.73 -5.15
N ILE A 143 3.52 26.08 -4.12
CA ILE A 143 4.43 25.45 -3.16
C ILE A 143 5.39 24.50 -3.88
N GLY A 144 6.62 24.45 -3.39
CA GLY A 144 7.63 23.60 -3.95
C GLY A 144 7.44 22.15 -3.57
N ALA A 145 7.86 21.22 -4.43
CA ALA A 145 7.94 19.81 -4.05
C ALA A 145 8.79 19.66 -2.79
N GLY A 146 8.37 18.79 -1.88
CA GLY A 146 9.13 18.53 -0.65
C GLY A 146 10.47 17.84 -0.86
N ASP A 147 10.75 17.35 -2.06
CA ASP A 147 12.01 16.67 -2.34
C ASP A 147 12.09 16.47 -3.84
N GLN A 148 13.25 16.01 -4.30
CA GLN A 148 13.34 15.47 -5.61
C GLN A 148 12.82 14.04 -5.61
N GLY A 149 12.65 13.50 -6.80
CA GLY A 149 12.33 12.10 -6.96
C GLY A 149 11.40 11.84 -8.11
N MET A 150 11.13 10.57 -8.36
CA MET A 150 10.27 10.14 -9.43
C MET A 150 9.19 9.24 -8.83
N MET A 151 8.03 9.24 -9.48
CA MET A 151 6.89 8.46 -9.02
C MET A 151 6.22 7.89 -10.23
N PHE A 152 5.72 6.67 -10.10
CA PHE A 152 4.97 6.05 -11.18
C PHE A 152 3.56 5.73 -10.81
N GLY A 153 2.70 5.83 -11.81
CA GLY A 153 1.33 5.32 -11.71
C GLY A 153 1.11 4.27 -12.75
N TYR A 154 0.17 3.35 -12.50
CA TYR A 154 -0.07 2.23 -13.39
C TYR A 154 -1.51 1.82 -13.29
N ALA A 155 -2.02 1.32 -14.39
CA ALA A 155 -3.35 0.73 -14.45
C ALA A 155 -3.39 -0.28 -15.57
N THR A 156 -4.27 -1.27 -15.38
CA THR A 156 -4.42 -2.36 -16.34
C THR A 156 -5.86 -2.86 -16.29
N ASN A 157 -6.45 -3.16 -17.45
CA ASN A 157 -7.84 -3.66 -17.51
C ASN A 157 -8.05 -5.13 -17.09
N GLU A 158 -7.06 -5.75 -16.45
CA GLU A 158 -7.14 -7.15 -15.97
C GLU A 158 -8.21 -7.40 -14.97
N THR A 159 -8.52 -6.42 -14.14
CA THR A 159 -9.43 -6.56 -13.04
C THR A 159 -10.32 -5.33 -12.96
N LYS A 160 -11.39 -5.45 -12.18
CA LYS A 160 -12.39 -4.39 -12.07
C LYS A 160 -11.79 -3.13 -11.43
N GLU A 161 -10.83 -3.37 -10.54
CA GLU A 161 -10.04 -2.37 -9.82
C GLU A 161 -9.01 -1.66 -10.71
N LEU A 162 -8.84 -2.16 -11.94
CA LEU A 162 -7.83 -1.73 -12.91
C LEU A 162 -6.40 -1.90 -12.34
N MET A 163 -6.22 -3.07 -11.69
CA MET A 163 -4.95 -3.50 -11.10
C MET A 163 -4.50 -4.84 -11.64
N PRO A 164 -3.21 -5.15 -11.53
CA PRO A 164 -2.72 -6.41 -12.02
C PRO A 164 -3.33 -7.58 -11.22
N LEU A 165 -3.67 -8.65 -11.91
CA LEU A 165 -4.34 -9.75 -11.22
C LEU A 165 -3.46 -10.36 -10.11
N THR A 166 -2.17 -10.53 -10.39
CA THR A 166 -1.27 -11.14 -9.38
C THR A 166 -1.33 -10.38 -8.07
N HIS A 167 -1.25 -9.06 -8.15
CA HIS A 167 -1.34 -8.17 -6.97
C HIS A 167 -2.71 -8.24 -6.31
N VAL A 168 -3.77 -8.22 -7.11
CA VAL A 168 -5.13 -8.27 -6.58
C VAL A 168 -5.32 -9.55 -5.80
N LEU A 169 -4.89 -10.66 -6.36
CA LEU A 169 -5.06 -11.94 -5.67
C LEU A 169 -4.21 -12.06 -4.40
N ALA A 170 -2.93 -11.72 -4.45
CA ALA A 170 -2.10 -11.80 -3.25
C ALA A 170 -2.66 -10.90 -2.15
N THR A 171 -3.07 -9.69 -2.53
CA THR A 171 -3.63 -8.72 -1.57
C THR A 171 -4.93 -9.17 -1.01
N SER A 172 -5.75 -9.79 -1.85
CA SER A 172 -7.02 -10.29 -1.35
C SER A 172 -6.84 -11.37 -0.32
N ILE A 173 -5.83 -12.22 -0.52
CA ILE A 173 -5.58 -13.30 0.42
C ILE A 173 -5.21 -12.74 1.79
N THR A 174 -4.27 -11.80 1.82
CA THR A 174 -3.86 -11.26 3.12
C THR A 174 -4.96 -10.40 3.76
N ARG A 175 -5.69 -9.65 2.93
CA ARG A 175 -6.82 -8.84 3.42
C ARG A 175 -7.90 -9.78 4.02
N GLU A 176 -8.14 -10.92 3.40
CA GLU A 176 -9.13 -11.86 3.93
C GLU A 176 -8.68 -12.45 5.27
N LEU A 177 -7.41 -12.81 5.39
CA LEU A 177 -6.90 -13.30 6.67
C LEU A 177 -7.06 -12.25 7.76
N ASP A 178 -6.75 -11.01 7.42
CA ASP A 178 -6.83 -9.91 8.39
C ASP A 178 -8.28 -9.71 8.84
N TYR A 179 -9.21 -9.78 7.87
CA TYR A 179 -10.67 -9.66 8.16
C TYR A 179 -11.16 -10.79 9.05
N ILE A 180 -10.79 -12.01 8.72
CA ILE A 180 -11.15 -13.18 9.52
C ILE A 180 -10.66 -13.01 10.95
N ARG A 181 -9.40 -12.60 11.11
CA ARG A 181 -8.81 -12.48 12.44
C ARG A 181 -9.35 -11.29 13.24
N MET A 182 -9.47 -10.14 12.59
CA MET A 182 -9.66 -8.84 13.30
C MET A 182 -11.14 -8.51 13.49
N LYS A 183 -11.93 -8.71 12.45
CA LYS A 183 -13.35 -8.36 12.55
C LYS A 183 -13.96 -9.51 13.30
N GLY A 184 -13.55 -10.72 12.92
CA GLY A 184 -13.95 -11.89 13.66
C GLY A 184 -14.96 -12.69 12.87
N VAL A 185 -15.02 -13.98 13.19
CA VAL A 185 -15.99 -14.86 12.57
C VAL A 185 -16.58 -15.80 13.60
N SER A 186 -17.66 -16.46 13.19
CA SER A 186 -18.37 -17.33 14.08
C SER A 186 -17.59 -18.63 14.36
N SER A 187 -16.65 -18.98 13.49
CA SER A 187 -15.83 -20.21 13.62
CA SER A 187 -15.86 -20.23 13.66
C SER A 187 -14.65 -20.03 14.58
N ARG A 188 -14.02 -21.14 14.95
CA ARG A 188 -12.86 -21.08 15.83
C ARG A 188 -11.66 -20.56 15.04
N VAL A 189 -11.20 -19.37 15.39
CA VAL A 189 -10.12 -18.73 14.70
C VAL A 189 -9.10 -18.13 15.65
N GLY A 190 -9.21 -18.40 16.93
CA GLY A 190 -8.33 -17.74 17.87
C GLY A 190 -6.92 -18.25 17.75
N TRP A 191 -6.73 -19.27 16.93
CA TRP A 191 -5.42 -19.80 16.67
C TRP A 191 -4.66 -18.90 15.69
N LEU A 192 -5.35 -18.04 14.93
CA LEU A 192 -4.68 -17.20 13.92
CA LEU A 192 -4.68 -17.25 13.93
C LEU A 192 -4.00 -16.06 14.62
N ARG A 193 -2.70 -15.90 14.37
CA ARG A 193 -1.92 -14.80 14.94
C ARG A 193 -1.72 -13.72 13.84
N PRO A 194 -1.19 -12.54 14.21
CA PRO A 194 -1.26 -11.42 13.26
C PRO A 194 -0.35 -11.43 12.05
N ASP A 195 0.77 -12.15 12.07
CA ASP A 195 1.72 -12.04 11.00
C ASP A 195 1.32 -12.98 9.85
N GLY A 196 1.79 -12.68 8.65
CA GLY A 196 1.52 -13.54 7.53
C GLY A 196 1.85 -12.90 6.22
N LYS A 197 2.03 -13.74 5.20
CA LYS A 197 2.38 -13.30 3.85
C LYS A 197 1.76 -14.22 2.81
N ALA A 198 1.57 -13.71 1.59
CA ALA A 198 1.09 -14.52 0.49
C ALA A 198 1.77 -14.12 -0.79
N GLN A 199 1.82 -15.05 -1.73
CA GLN A 199 2.41 -14.77 -3.03
C GLN A 199 1.67 -15.56 -4.09
N VAL A 200 1.31 -14.90 -5.19
CA VAL A 200 0.53 -15.54 -6.24
C VAL A 200 1.28 -15.39 -7.55
N THR A 201 1.40 -16.51 -8.25
CA THR A 201 1.98 -16.56 -9.58
C THR A 201 0.88 -16.86 -10.58
N VAL A 202 0.76 -16.04 -11.61
CA VAL A 202 -0.25 -16.21 -12.67
C VAL A 202 0.48 -16.48 -13.97
N GLU A 203 -0.08 -17.39 -14.74
CA GLU A 203 0.35 -17.63 -16.10
C GLU A 203 -0.49 -16.76 -17.01
N TYR A 204 0.17 -15.96 -17.82
CA TYR A 204 -0.47 -15.03 -18.73
C TYR A 204 -0.19 -15.38 -20.16
N ASN A 205 -1.10 -14.92 -21.01
CA ASN A 205 -0.85 -14.70 -22.46
C ASN A 205 -0.82 -13.19 -22.73
N CYS A 206 0.01 -12.73 -23.67
CA CYS A 206 0.12 -11.29 -23.97
C CYS A 206 -0.26 -11.08 -25.43
N LYS A 207 -1.30 -10.29 -25.68
CA LYS A 207 -1.77 -10.03 -27.05
C LYS A 207 -1.69 -8.53 -27.30
N HIS A 208 -0.70 -8.11 -28.09
CA HIS A 208 -0.58 -6.71 -28.51
C HIS A 208 -0.32 -5.80 -27.31
N GLY A 209 0.25 -6.36 -26.24
CA GLY A 209 0.53 -5.61 -25.01
C GLY A 209 -0.53 -5.79 -23.94
N VAL A 210 -1.64 -6.40 -24.33
CA VAL A 210 -2.78 -6.65 -23.46
C VAL A 210 -2.54 -7.94 -22.72
N LEU A 211 -2.74 -7.92 -21.41
CA LEU A 211 -2.41 -9.05 -20.57
C LEU A 211 -3.68 -9.84 -20.32
N ILE A 212 -3.69 -11.09 -20.78
CA ILE A 212 -4.82 -11.98 -20.54
CA ILE A 212 -4.83 -11.98 -20.54
C ILE A 212 -4.39 -13.11 -19.61
N PRO A 213 -4.86 -13.08 -18.35
CA PRO A 213 -4.55 -14.19 -17.46
C PRO A 213 -5.08 -15.51 -18.01
N LYS A 214 -4.28 -16.56 -17.96
CA LYS A 214 -4.73 -17.88 -18.39
C LYS A 214 -5.14 -18.76 -17.20
N ARG A 215 -4.31 -18.79 -16.19
CA ARG A 215 -4.50 -19.63 -15.02
C ARG A 215 -3.62 -19.20 -13.88
N ILE A 216 -4.00 -19.61 -12.66
CA ILE A 216 -3.16 -19.37 -11.51
C ILE A 216 -2.19 -20.56 -11.43
N HIS A 217 -0.90 -20.29 -11.41
CA HIS A 217 0.14 -21.31 -11.46
C HIS A 217 0.55 -21.75 -10.06
N THR A 218 0.75 -20.81 -9.13
CA THR A 218 1.16 -21.12 -7.77
C THR A 218 0.51 -20.19 -6.78
N ILE A 219 0.07 -20.73 -5.65
CA ILE A 219 -0.43 -19.86 -4.55
C ILE A 219 0.36 -20.26 -3.31
N LEU A 220 1.06 -19.31 -2.72
CA LEU A 220 1.79 -19.50 -1.51
C LEU A 220 1.19 -18.64 -0.41
N VAL A 221 0.95 -19.25 0.75
CA VAL A 221 0.46 -18.52 1.93
C VAL A 221 1.21 -19.01 3.17
N SER A 222 1.75 -18.09 3.98
CA SER A 222 2.35 -18.40 5.26
C SER A 222 1.61 -17.59 6.30
N VAL A 223 0.97 -18.28 7.25
CA VAL A 223 0.19 -17.60 8.26
CA VAL A 223 0.20 -17.60 8.28
C VAL A 223 0.67 -18.00 9.65
N GLN A 224 0.77 -17.02 10.53
CA GLN A 224 1.21 -17.24 11.88
C GLN A 224 0.07 -17.85 12.68
N HIS A 225 0.40 -18.76 13.60
CA HIS A 225 -0.62 -19.54 14.27
C HIS A 225 -0.18 -19.94 15.66
N ASP A 226 -1.08 -20.41 16.47
CA ASP A 226 -0.63 -20.89 17.76
C ASP A 226 -0.34 -22.36 17.75
N GLU A 227 0.00 -22.86 18.92
CA GLU A 227 0.80 -24.05 19.01
C GLU A 227 -0.01 -25.27 18.98
N ASN A 228 -1.34 -25.15 18.89
CA ASN A 228 -2.23 -26.31 19.00
CA ASN A 228 -2.15 -26.35 18.98
C ASN A 228 -3.00 -26.68 17.73
N ILE A 229 -3.01 -25.80 16.73
CA ILE A 229 -3.74 -26.13 15.48
C ILE A 229 -2.80 -26.94 14.60
N GLU A 230 -3.35 -28.00 14.00
CA GLU A 230 -2.62 -28.83 13.06
C GLU A 230 -2.27 -28.15 11.77
N ASN A 231 -1.11 -28.48 11.21
CA ASN A 231 -0.79 -28.00 9.86
C ASN A 231 -1.89 -28.39 8.86
N GLU A 232 -2.43 -29.59 8.96
CA GLU A 232 -3.49 -30.02 8.05
C GLU A 232 -4.74 -29.14 8.20
N GLU A 233 -5.04 -28.72 9.43
CA GLU A 233 -6.18 -27.85 9.73
CA GLU A 233 -6.20 -27.88 9.66
C GLU A 233 -5.96 -26.46 9.17
N ILE A 234 -4.74 -25.94 9.37
CA ILE A 234 -4.38 -24.62 8.81
C ILE A 234 -4.57 -24.64 7.32
N ARG A 235 -4.04 -25.68 6.67
CA ARG A 235 -4.09 -25.79 5.22
C ARG A 235 -5.51 -25.89 4.68
N GLU A 236 -6.35 -26.72 5.33
CA GLU A 236 -7.76 -26.84 4.96
C GLU A 236 -8.48 -25.51 5.15
N PHE A 237 -8.21 -24.82 6.26
CA PHE A 237 -8.84 -23.56 6.53
C PHE A 237 -8.47 -22.49 5.50
N VAL A 238 -7.19 -22.35 5.24
CA VAL A 238 -6.75 -21.34 4.27
C VAL A 238 -7.27 -21.67 2.88
N LEU A 239 -7.23 -22.94 2.49
CA LEU A 239 -7.68 -23.29 1.14
C LEU A 239 -9.16 -23.00 0.97
N GLU A 240 -9.98 -23.42 1.95
CA GLU A 240 -11.44 -23.32 1.82
C GLU A 240 -12.03 -21.96 2.16
N ASN A 241 -11.48 -21.30 3.17
CA ASN A 241 -12.03 -20.06 3.64
C ASN A 241 -11.31 -18.83 3.17
N VAL A 242 -10.15 -19.02 2.55
CA VAL A 242 -9.45 -17.88 1.99
C VAL A 242 -9.24 -18.02 0.50
N ILE A 243 -8.41 -18.95 0.09
CA ILE A 243 -8.05 -19.08 -1.32
C ILE A 243 -9.29 -19.26 -2.19
N LYS A 244 -10.17 -20.18 -1.83
CA LYS A 244 -11.36 -20.42 -2.65
C LYS A 244 -12.40 -19.30 -2.56
N LYS A 245 -12.31 -18.43 -1.56
CA LYS A 245 -13.18 -17.28 -1.47
C LYS A 245 -12.72 -16.11 -2.31
N VAL A 246 -11.42 -15.97 -2.53
CA VAL A 246 -10.95 -14.81 -3.25
C VAL A 246 -10.30 -15.07 -4.61
N CYS A 247 -9.98 -16.31 -4.93
CA CYS A 247 -9.38 -16.61 -6.21
C CYS A 247 -10.45 -17.21 -7.09
N PRO A 248 -10.56 -16.74 -8.36
CA PRO A 248 -11.62 -17.28 -9.23
C PRO A 248 -11.42 -18.76 -9.48
N SER A 249 -12.50 -19.52 -9.35
CA SER A 249 -12.41 -20.97 -9.50
C SER A 249 -11.98 -21.33 -10.93
N ASP A 250 -12.34 -20.54 -11.92
CA ASP A 250 -12.00 -20.88 -13.31
C ASP A 250 -10.56 -20.60 -13.69
N LEU A 251 -9.80 -20.03 -12.78
CA LEU A 251 -8.36 -19.88 -12.99
C LEU A 251 -7.56 -20.90 -12.18
N MET A 252 -8.22 -21.71 -11.36
CA MET A 252 -7.51 -22.75 -10.64
C MET A 252 -7.75 -24.10 -11.28
N ASP A 253 -6.70 -24.90 -11.35
CA ASP A 253 -6.81 -26.27 -11.92
C ASP A 253 -5.97 -27.25 -11.11
N LYS A 254 -5.99 -28.53 -11.53
CA LYS A 254 -5.33 -29.61 -10.82
CA LYS A 254 -5.34 -29.55 -10.71
C LYS A 254 -3.83 -29.39 -10.71
N GLU A 255 -3.30 -28.58 -11.63
CA GLU A 255 -1.86 -28.33 -11.65
C GLU A 255 -1.47 -27.05 -10.90
N THR A 256 -2.45 -26.28 -10.43
CA THR A 256 -2.13 -25.11 -9.62
C THR A 256 -1.43 -25.59 -8.35
N ARG A 257 -0.26 -25.06 -8.08
CA ARG A 257 0.54 -25.48 -6.94
C ARG A 257 0.14 -24.69 -5.72
N ILE A 258 -0.40 -25.37 -4.72
CA ILE A 258 -0.88 -24.75 -3.47
CA ILE A 258 -0.83 -24.69 -3.50
C ILE A 258 0.14 -25.02 -2.38
N LEU A 259 0.76 -23.99 -1.84
CA LEU A 259 1.77 -24.11 -0.84
C LEU A 259 1.32 -23.31 0.36
N ILE A 260 0.80 -23.97 1.37
CA ILE A 260 0.28 -23.28 2.56
C ILE A 260 1.18 -23.69 3.74
N ASN A 261 1.76 -22.71 4.40
CA ASN A 261 2.69 -22.95 5.48
C ASN A 261 3.75 -23.98 5.19
N PRO A 262 4.50 -23.78 4.09
CA PRO A 262 5.61 -24.69 3.77
C PRO A 262 6.72 -24.77 4.82
N SER A 263 6.89 -23.77 5.68
CA SER A 263 7.93 -23.87 6.71
C SER A 263 7.55 -24.92 7.75
N GLY A 264 6.26 -25.29 7.82
CA GLY A 264 5.76 -26.33 8.73
C GLY A 264 5.47 -25.83 10.16
N ARG A 265 5.99 -24.66 10.52
CA ARG A 265 5.72 -24.09 11.82
C ARG A 265 5.99 -22.60 11.76
N PHE A 266 5.00 -21.82 12.17
CA PHE A 266 5.10 -20.37 12.14
C PHE A 266 4.29 -19.88 13.34
N THR A 267 4.87 -20.07 14.53
CA THR A 267 4.21 -19.62 15.73
C THR A 267 4.85 -18.37 16.28
N ILE A 268 6.16 -18.22 16.07
CA ILE A 268 6.89 -17.03 16.51
C ILE A 268 6.92 -16.11 15.31
N GLY A 269 6.38 -14.91 15.53
CA GLY A 269 6.17 -13.98 14.44
C GLY A 269 6.18 -12.55 14.90
N GLY A 270 5.79 -11.65 14.00
CA GLY A 270 5.84 -10.26 14.34
C GLY A 270 7.25 -9.82 14.65
N PRO A 271 7.40 -8.72 15.39
CA PRO A 271 8.72 -8.20 15.72
C PRO A 271 9.60 -9.19 16.47
N ALA A 272 9.00 -10.17 17.12
CA ALA A 272 9.77 -11.20 17.81
C ALA A 272 10.59 -12.09 16.87
N ALA A 273 10.20 -12.23 15.60
CA ALA A 273 10.99 -12.98 14.64
C ALA A 273 11.69 -12.14 13.58
N ASP A 274 11.27 -10.89 13.38
CA ASP A 274 11.74 -10.13 12.23
C ASP A 274 11.57 -8.63 12.50
N ALA A 275 12.62 -7.84 12.33
CA ALA A 275 12.53 -6.41 12.52
C ALA A 275 11.63 -5.78 11.46
N GLY A 276 10.92 -4.74 11.87
CA GLY A 276 10.07 -3.96 10.96
C GLY A 276 10.52 -2.51 10.88
N LEU A 277 10.29 -1.91 9.72
CA LEU A 277 10.61 -0.51 9.48
C LEU A 277 9.55 0.03 8.52
N THR A 278 9.25 1.33 8.62
CA THR A 278 8.42 2.00 7.64
C THR A 278 9.07 2.02 6.26
N GLY A 279 8.24 1.82 5.24
CA GLY A 279 8.67 2.03 3.86
C GLY A 279 9.48 0.89 3.31
N ARG A 280 9.27 -0.30 3.86
CA ARG A 280 9.93 -1.53 3.38
C ARG A 280 8.96 -2.50 2.70
N LYS A 281 7.78 -1.98 2.34
CA LYS A 281 6.81 -2.75 1.56
C LYS A 281 6.29 -1.92 0.39
N ILE A 282 7.20 -1.24 -0.32
CA ILE A 282 6.76 -0.25 -1.30
C ILE A 282 6.13 -0.89 -2.51
N ILE A 283 6.50 -2.12 -2.82
CA ILE A 283 5.95 -2.82 -3.98
C ILE A 283 4.61 -3.48 -3.62
N VAL A 284 4.48 -4.06 -2.43
CA VAL A 284 3.17 -4.44 -1.89
C VAL A 284 2.19 -3.26 -1.85
N ASP A 285 2.69 -2.06 -1.51
CA ASP A 285 1.85 -0.87 -1.43
C ASP A 285 1.34 -0.40 -2.79
N THR A 286 2.00 -0.82 -3.86
CA THR A 286 1.72 -0.26 -5.20
C THR A 286 1.19 -1.35 -6.16
N TYR A 287 2.04 -1.93 -7.00
CA TYR A 287 1.57 -2.71 -8.13
C TYR A 287 2.16 -4.10 -8.18
N GLY A 288 2.86 -4.54 -7.15
CA GLY A 288 3.28 -5.96 -7.12
C GLY A 288 4.29 -6.37 -8.15
N GLY A 289 5.10 -5.41 -8.62
CA GLY A 289 6.19 -5.73 -9.55
C GLY A 289 5.86 -5.24 -10.95
N TRP A 290 4.59 -5.01 -11.21
CA TRP A 290 4.12 -4.47 -12.48
C TRP A 290 4.35 -2.97 -12.51
N GLY A 291 4.29 -2.37 -13.69
CA GLY A 291 4.53 -0.93 -13.81
C GLY A 291 5.96 -0.63 -13.44
N ALA A 292 6.17 0.22 -12.44
CA ALA A 292 7.50 0.57 -11.99
C ALA A 292 7.35 1.31 -10.67
N HIS A 293 8.46 1.59 -10.02
CA HIS A 293 8.47 2.31 -8.76
C HIS A 293 9.63 3.27 -8.71
N GLY A 294 9.39 4.47 -8.19
CA GLY A 294 10.42 5.49 -8.15
C GLY A 294 11.31 5.41 -6.92
N GLY A 295 10.91 4.62 -5.93
CA GLY A 295 11.72 4.32 -4.75
C GLY A 295 11.21 4.89 -3.44
N GLY A 296 10.29 5.85 -3.46
CA GLY A 296 9.90 6.49 -2.21
C GLY A 296 8.79 5.76 -1.48
N ALA A 297 8.88 5.76 -0.17
CA ALA A 297 7.85 5.24 0.71
C ALA A 297 6.68 6.22 0.78
N PHE A 298 5.50 5.71 1.14
CA PHE A 298 4.34 6.54 1.32
C PHE A 298 4.09 6.87 2.77
N SER A 299 4.15 5.90 3.67
CA SER A 299 3.57 6.10 5.01
C SER A 299 4.40 7.01 5.87
N GLY A 300 3.73 7.78 6.73
CA GLY A 300 4.39 8.71 7.62
C GLY A 300 4.68 10.07 6.99
N LYS A 301 4.31 10.27 5.72
CA LYS A 301 4.61 11.49 5.01
C LYS A 301 3.36 12.29 4.69
N ASP A 302 3.41 13.58 5.01
CA ASP A 302 2.37 14.50 4.54
C ASP A 302 2.46 14.70 3.05
N ALA A 303 1.44 15.34 2.50
CA ALA A 303 1.29 15.35 1.07
C ALA A 303 2.25 16.30 0.33
N THR A 304 3.00 17.16 1.04
CA THR A 304 4.04 17.89 0.36
C THR A 304 5.22 17.00 -0.01
N LYS A 305 5.26 15.77 0.56
CA LYS A 305 6.22 14.77 0.09
C LYS A 305 5.61 14.15 -1.16
N VAL A 306 6.13 14.59 -2.29
CA VAL A 306 5.68 14.12 -3.59
C VAL A 306 5.88 12.63 -3.82
N ASP A 307 6.74 11.96 -3.05
CA ASP A 307 6.75 10.47 -3.09
C ASP A 307 5.35 9.90 -2.98
N ARG A 308 4.54 10.49 -2.09
CA ARG A 308 3.19 10.07 -1.90
C ARG A 308 2.23 10.77 -2.86
N SER A 309 2.17 12.08 -2.82
CA SER A 309 1.15 12.77 -3.59
C SER A 309 1.34 12.63 -5.11
N GLY A 310 2.60 12.68 -5.57
CA GLY A 310 2.87 12.44 -6.96
C GLY A 310 2.47 11.05 -7.45
N ALA A 311 2.71 10.04 -6.64
CA ALA A 311 2.32 8.69 -6.99
C ALA A 311 0.80 8.55 -7.02
N TYR A 312 0.10 9.19 -6.07
CA TYR A 312 -1.35 9.11 -6.04
C TYR A 312 -1.97 9.77 -7.29
N MET A 313 -1.47 10.96 -7.64
CA MET A 313 -1.95 11.60 -8.87
C MET A 313 -1.58 10.79 -10.13
N ALA A 314 -0.38 10.20 -10.14
CA ALA A 314 0.01 9.40 -11.29
C ALA A 314 -0.90 8.19 -11.44
N ARG A 315 -1.28 7.58 -10.32
CA ARG A 315 -2.29 6.52 -10.36
C ARG A 315 -3.62 7.02 -10.94
N LEU A 316 -4.11 8.18 -10.49
CA LEU A 316 -5.37 8.66 -11.02
C LEU A 316 -5.28 8.85 -12.55
N VAL A 317 -4.16 9.38 -13.02
CA VAL A 317 -3.99 9.57 -14.43
C VAL A 317 -4.03 8.24 -15.18
N ALA A 318 -3.22 7.28 -14.74
CA ALA A 318 -3.20 5.97 -15.39
C ALA A 318 -4.57 5.29 -15.40
N LYS A 319 -5.23 5.35 -14.25
CA LYS A 319 -6.52 4.72 -14.09
C LYS A 319 -7.54 5.42 -14.96
N SER A 320 -7.44 6.75 -15.07
CA SER A 320 -8.40 7.49 -15.88
C SER A 320 -8.23 7.14 -17.35
N ILE A 321 -6.99 7.00 -17.81
CA ILE A 321 -6.76 6.66 -19.21
C ILE A 321 -7.31 5.29 -19.60
N VAL A 322 -7.12 4.31 -18.72
CA VAL A 322 -7.62 2.95 -18.93
C VAL A 322 -9.14 2.93 -18.81
N PHE A 323 -9.67 3.58 -17.78
CA PHE A 323 -11.11 3.61 -17.53
C PHE A 323 -11.83 4.23 -18.73
N SER A 324 -11.22 5.26 -19.31
CA SER A 324 -11.77 5.94 -20.47
C SER A 324 -11.73 5.12 -21.76
N GLY A 325 -11.10 3.97 -21.72
CA GLY A 325 -11.06 3.06 -22.86
C GLY A 325 -10.00 3.44 -23.88
N LEU A 326 -9.08 4.32 -23.49
CA LEU A 326 -8.10 4.87 -24.43
C LEU A 326 -6.90 3.93 -24.59
N CYS A 327 -6.77 2.97 -23.68
CA CYS A 327 -5.76 1.93 -23.80
C CYS A 327 -6.15 0.82 -22.82
N SER A 328 -5.42 -0.29 -22.83
CA SER A 328 -5.65 -1.42 -21.91
C SER A 328 -4.75 -1.40 -20.68
N ARG A 329 -3.57 -0.81 -20.85
CA ARG A 329 -2.60 -0.71 -19.75
C ARG A 329 -1.86 0.58 -19.92
N CYS A 330 -1.49 1.22 -18.81
CA CYS A 330 -0.86 2.54 -18.87
C CYS A 330 0.11 2.72 -17.71
N LEU A 331 1.30 3.21 -18.04
CA LEU A 331 2.32 3.59 -17.04
C LEU A 331 2.61 5.08 -17.16
N VAL A 332 2.63 5.74 -16.01
CA VAL A 332 2.91 7.18 -15.94
C VAL A 332 4.12 7.37 -15.03
N GLN A 333 5.08 8.20 -15.46
CA GLN A 333 6.16 8.65 -14.58
C GLN A 333 6.11 10.15 -14.47
N VAL A 334 6.18 10.66 -13.25
CA VAL A 334 6.38 12.09 -13.02
C VAL A 334 7.65 12.20 -12.21
N SER A 335 8.32 13.34 -12.35
CA SER A 335 9.46 13.63 -11.50
C SER A 335 9.47 15.06 -11.05
N TYR A 336 10.12 15.26 -9.92
CA TYR A 336 10.16 16.56 -9.24
C TYR A 336 11.57 16.93 -8.81
N GLY A 337 11.79 18.20 -8.52
CA GLY A 337 12.99 18.69 -7.83
C GLY A 337 12.59 19.45 -6.59
N ILE A 338 13.41 19.37 -5.56
CA ILE A 338 13.10 20.01 -4.30
C ILE A 338 12.89 21.52 -4.46
N GLY A 339 11.81 22.02 -3.90
CA GLY A 339 11.54 23.47 -3.92
C GLY A 339 10.97 23.94 -5.21
N ILE A 340 10.72 23.03 -6.15
CA ILE A 340 10.21 23.39 -7.48
C ILE A 340 8.77 22.84 -7.61
N ALA A 341 7.82 23.71 -7.95
CA ALA A 341 6.41 23.28 -8.00
C ALA A 341 6.08 22.36 -9.19
N ARG A 342 6.47 22.79 -10.38
CA ARG A 342 6.05 22.05 -11.52
C ARG A 342 6.94 20.85 -11.70
N PRO A 343 6.38 19.77 -12.25
CA PRO A 343 7.20 18.57 -12.42
C PRO A 343 8.35 18.82 -13.41
N LEU A 344 9.46 18.12 -13.24
CA LEU A 344 10.60 18.25 -14.14
C LEU A 344 10.37 17.45 -15.40
N SER A 345 9.53 16.41 -15.30
CA SER A 345 9.22 15.59 -16.47
C SER A 345 7.94 14.80 -16.23
N LEU A 346 7.34 14.40 -17.33
CA LEU A 346 6.15 13.57 -17.34
C LEU A 346 6.28 12.62 -18.53
N TYR A 347 5.85 11.38 -18.33
CA TYR A 347 6.01 10.27 -19.26
C TYR A 347 4.76 9.39 -19.22
N ILE A 348 4.27 8.99 -20.39
CA ILE A 348 3.16 8.05 -20.48
CA ILE A 348 3.14 8.07 -20.51
C ILE A 348 3.55 6.95 -21.46
N ASN A 349 3.30 5.69 -21.06
CA ASN A 349 3.57 4.51 -21.88
C ASN A 349 2.32 3.66 -21.86
N THR A 350 1.75 3.36 -23.03
CA THR A 350 0.60 2.45 -23.08
C THR A 350 0.92 1.07 -23.63
N PHE A 351 2.21 0.76 -23.78
CA PHE A 351 2.63 -0.64 -24.07
C PHE A 351 2.08 -1.11 -25.41
N GLY A 352 1.81 -0.17 -26.29
CA GLY A 352 1.22 -0.46 -27.60
C GLY A 352 -0.26 -0.78 -27.57
N THR A 353 -0.92 -0.52 -26.46
CA THR A 353 -2.33 -0.85 -26.31
C THR A 353 -3.28 0.34 -26.54
N ALA A 354 -2.78 1.46 -27.06
CA ALA A 354 -3.64 2.63 -27.27
C ALA A 354 -4.73 2.34 -28.28
N LYS A 355 -5.90 2.93 -28.03
CA LYS A 355 -7.04 2.87 -28.94
C LYS A 355 -6.71 3.53 -30.27
N ASP A 356 -7.32 3.02 -31.34
CA ASP A 356 -7.16 3.57 -32.67
C ASP A 356 -7.35 5.08 -32.61
N GLY A 357 -6.39 5.80 -33.16
CA GLY A 357 -6.45 7.24 -33.19
C GLY A 357 -5.64 7.88 -32.10
N TYR A 358 -5.32 7.12 -31.07
CA TYR A 358 -4.55 7.60 -29.94
C TYR A 358 -3.14 7.04 -29.97
N ASN A 359 -2.23 7.78 -29.37
CA ASN A 359 -0.91 7.28 -29.07
C ASN A 359 -0.37 8.02 -27.86
N ASP A 360 0.84 7.69 -27.45
CA ASP A 360 1.37 8.20 -26.19
C ASP A 360 1.65 9.70 -26.22
N THR A 361 2.05 10.21 -27.38
CA THR A 361 2.18 11.64 -27.54
C THR A 361 0.86 12.35 -27.35
N LYS A 362 -0.19 11.90 -28.06
CA LYS A 362 -1.54 12.48 -27.93
C LYS A 362 -2.08 12.33 -26.49
N LEU A 363 -1.80 11.18 -25.85
CA LEU A 363 -2.31 10.93 -24.51
C LEU A 363 -1.65 11.91 -23.51
N LEU A 364 -0.35 12.14 -23.67
CA LEU A 364 0.32 13.15 -22.85
C LEU A 364 -0.29 14.54 -23.02
N GLU A 365 -0.65 14.89 -24.24
CA GLU A 365 -1.34 16.16 -24.46
C GLU A 365 -2.69 16.22 -23.73
N ILE A 366 -3.45 15.14 -23.83
CA ILE A 366 -4.70 15.05 -23.11
C ILE A 366 -4.46 15.17 -21.60
N VAL A 367 -3.45 14.50 -21.09
CA VAL A 367 -3.17 14.54 -19.65
C VAL A 367 -2.83 15.99 -19.23
N ASN A 368 -2.00 16.65 -20.02
CA ASN A 368 -1.68 18.05 -19.69
C ASN A 368 -2.84 19.06 -19.74
N LYS A 369 -3.86 18.82 -20.56
CA LYS A 369 -5.05 19.68 -20.54
C LYS A 369 -5.93 19.48 -19.34
N VAL A 370 -5.83 18.30 -18.72
CA VAL A 370 -6.77 17.91 -17.69
C VAL A 370 -6.16 18.01 -16.30
N PHE A 371 -4.91 17.58 -16.18
CA PHE A 371 -4.25 17.45 -14.89
C PHE A 371 -3.14 18.49 -14.72
N ASP A 372 -2.83 18.80 -13.46
CA ASP A 372 -1.80 19.75 -13.10
C ASP A 372 -1.03 19.09 -11.93
N PHE A 373 0.23 18.76 -12.17
CA PHE A 373 1.01 18.04 -11.19
C PHE A 373 1.73 18.95 -10.17
N ARG A 374 1.41 20.24 -10.15
CA ARG A 374 1.92 21.07 -9.06
C ARG A 374 1.40 20.52 -7.73
N PRO A 375 2.26 20.31 -6.72
CA PRO A 375 1.78 19.75 -5.46
C PRO A 375 0.64 20.50 -4.80
N GLY A 376 0.67 21.82 -4.87
CA GLY A 376 -0.39 22.59 -4.25
C GLY A 376 -1.74 22.29 -4.88
N ILE A 377 -1.75 22.04 -6.19
CA ILE A 377 -2.99 21.72 -6.88
C ILE A 377 -3.41 20.29 -6.57
N LEU A 378 -2.44 19.40 -6.66
CA LEU A 378 -2.56 17.95 -6.30
CA LEU A 378 -2.62 18.02 -6.38
C LEU A 378 -3.25 17.79 -4.96
N ILE A 379 -2.72 18.49 -3.98
CA ILE A 379 -3.12 18.34 -2.62
C ILE A 379 -4.57 18.76 -2.42
N LYS A 380 -4.94 19.89 -3.04
CA LYS A 380 -6.31 20.41 -3.03
C LYS A 380 -7.27 19.43 -3.69
N GLN A 381 -6.91 18.97 -4.88
CA GLN A 381 -7.79 18.10 -5.65
C GLN A 381 -8.05 16.73 -5.04
N LEU A 382 -7.05 16.20 -4.37
CA LEU A 382 -7.14 14.86 -3.77
C LEU A 382 -7.41 14.90 -2.25
N ASN A 383 -7.69 16.08 -1.71
CA ASN A 383 -8.01 16.26 -0.29
CA ASN A 383 -8.02 16.27 -0.30
C ASN A 383 -6.95 15.65 0.62
N LEU A 384 -5.69 15.92 0.32
CA LEU A 384 -4.62 15.23 0.99
C LEU A 384 -4.17 15.85 2.31
N LYS A 385 -4.85 16.89 2.77
CA LYS A 385 -4.61 17.41 4.12
C LYS A 385 -5.62 16.90 5.14
N SER A 386 -6.51 16.02 4.69
CA SER A 386 -7.47 15.39 5.60
CA SER A 386 -7.48 15.39 5.60
C SER A 386 -6.86 14.10 6.13
N PRO A 387 -7.30 13.66 7.32
CA PRO A 387 -6.70 12.48 7.96
C PRO A 387 -7.26 11.15 7.39
N ILE A 388 -6.87 10.88 6.14
CA ILE A 388 -7.34 9.74 5.36
C ILE A 388 -6.30 8.62 5.25
N PHE A 389 -5.14 8.77 5.88
CA PHE A 389 -4.01 7.93 5.49
C PHE A 389 -3.86 6.59 6.17
N LYS A 390 -4.33 6.46 7.41
CA LYS A 390 -4.21 5.19 8.09
CA LYS A 390 -4.24 5.18 8.12
C LYS A 390 -4.83 4.06 7.28
N LYS A 391 -5.97 4.34 6.62
CA LYS A 391 -6.64 3.33 5.78
C LYS A 391 -5.77 2.86 4.62
N THR A 392 -4.87 3.70 4.12
CA THR A 392 -4.04 3.31 2.97
C THR A 392 -2.89 2.38 3.32
N SER A 393 -2.58 2.26 4.62
CA SER A 393 -1.29 1.73 5.07
C SER A 393 -1.27 0.22 5.24
N SER A 394 -2.42 -0.41 5.02
CA SER A 394 -2.49 -1.86 4.81
CA SER A 394 -2.46 -1.84 4.78
C SER A 394 -3.51 -2.10 3.72
N GLY A 395 -3.26 -3.10 2.90
CA GLY A 395 -4.18 -3.46 1.85
C GLY A 395 -3.88 -2.89 0.49
N GLY A 396 -2.78 -2.15 0.39
CA GLY A 396 -2.39 -1.51 -0.87
C GLY A 396 -3.00 -0.13 -0.97
N HIS A 397 -2.26 0.82 -1.53
CA HIS A 397 -2.75 2.17 -1.70
C HIS A 397 -3.65 2.33 -2.91
N PHE A 398 -3.63 1.35 -3.80
CA PHE A 398 -4.30 1.48 -5.10
C PHE A 398 -5.26 0.32 -5.34
N GLY A 399 -6.22 0.55 -6.24
CA GLY A 399 -7.24 -0.43 -6.52
C GLY A 399 -8.26 -0.57 -5.40
N ARG A 400 -8.44 0.49 -4.63
CA ARG A 400 -9.28 0.51 -3.44
C ARG A 400 -10.59 1.24 -3.69
N SER A 401 -11.66 0.75 -3.08
CA SER A 401 -12.97 1.29 -3.31
C SER A 401 -13.42 2.37 -2.33
N GLU A 402 -12.66 2.61 -1.27
CA GLU A 402 -13.10 3.55 -0.23
C GLU A 402 -13.29 4.95 -0.81
N LYS A 403 -14.43 5.55 -0.49
CA LYS A 403 -14.91 6.74 -1.21
C LYS A 403 -13.94 7.90 -1.08
N GLU A 404 -13.19 7.89 0.01
CA GLU A 404 -12.29 8.98 0.28
C GLU A 404 -10.96 8.94 -0.50
N PHE A 405 -10.58 7.77 -1.06
CA PHE A 405 -9.40 7.70 -1.92
CA PHE A 405 -9.41 7.57 -1.95
C PHE A 405 -9.75 8.25 -3.30
N LEU A 406 -9.64 9.55 -3.38
CA LEU A 406 -10.04 10.26 -4.61
C LEU A 406 -9.20 9.92 -5.82
N TRP A 407 -7.98 9.45 -5.58
CA TRP A 407 -7.13 8.99 -6.69
C TRP A 407 -7.62 7.72 -7.36
N GLU A 408 -8.66 7.10 -6.79
CA GLU A 408 -9.27 5.91 -7.39
C GLU A 408 -10.58 6.19 -8.10
N LYS A 409 -10.97 7.45 -8.18
CA LYS A 409 -12.22 7.85 -8.85
C LYS A 409 -11.87 8.42 -10.24
N PRO A 410 -11.98 7.61 -11.30
CA PRO A 410 -11.42 8.03 -12.58
C PRO A 410 -12.15 9.18 -13.24
N ILE A 411 -11.41 9.97 -14.01
CA ILE A 411 -11.92 11.07 -14.81
C ILE A 411 -12.12 10.54 -16.22
N ILE A 412 -13.23 10.90 -16.84
CA ILE A 412 -13.45 10.50 -18.23
C ILE A 412 -12.65 11.41 -19.14
N LEU A 413 -11.78 10.82 -19.96
CA LEU A 413 -10.90 11.54 -20.89
C LEU A 413 -11.21 11.16 -22.35
N GLN A 414 -11.06 12.10 -23.28
CA GLN A 414 -11.30 11.82 -24.72
C GLN A 414 -10.28 12.59 -25.55
N SAM B . 14.87 -11.43 9.31
CA SAM B . 14.59 -12.82 8.95
C SAM B . 15.76 -13.69 9.30
O SAM B . 16.39 -13.41 10.37
OXT SAM B . 16.11 -14.66 8.59
CB SAM B . 14.23 -12.86 7.46
CG SAM B . 12.84 -12.26 7.26
SD SAM B . 11.51 -13.21 7.75
CE SAM B . 11.62 -14.67 6.91
C5' SAM B . 10.34 -12.31 6.94
C4' SAM B . 8.91 -12.61 7.31
O4' SAM B . 8.67 -14.00 7.10
C3' SAM B . 8.40 -12.27 8.69
O3' SAM B . 8.15 -10.88 8.87
C2' SAM B . 7.14 -13.12 8.73
O2' SAM B . 6.03 -12.52 8.03
C1' SAM B . 7.59 -14.35 7.95
N9 SAM B . 7.98 -15.45 8.89
C8 SAM B . 8.56 -15.35 10.11
N7 SAM B . 8.71 -16.57 10.65
C5 SAM B . 8.22 -17.46 9.76
C6 SAM B . 8.04 -18.90 9.75
N6 SAM B . 8.42 -19.59 10.82
N1 SAM B . 7.50 -19.46 8.65
C2 SAM B . 7.12 -18.70 7.58
N3 SAM B . 7.23 -17.35 7.53
C4 SAM B . 7.76 -16.72 8.60
PG 3PO C . 10.01 -9.32 4.66
O1G 3PO C . 9.92 -9.28 3.21
O2G 3PO C . 9.04 -10.33 5.23
O3G 3PO C . 9.84 -7.94 5.23
PB 3PO C . 12.82 -8.93 5.00
O1B 3PO C . 13.95 -9.85 5.30
O2B 3PO C . 12.69 -7.84 5.99
O3B 3PO C . 11.47 -9.80 5.02
PA 3PO C . 12.25 -6.59 2.92
O1A 3PO C . 11.39 -7.18 1.84
O2A 3PO C . 11.59 -5.86 4.09
O3A 3PO C . 12.90 -8.16 3.54
O5' 3PO C . 13.56 -5.87 2.58
MG MG D . 11.09 -6.50 5.94
MG MG E . 10.42 -9.03 1.24
#